data_6GZC
#
_entry.id   6GZC
#
_cell.length_a   45.490
_cell.length_b   57.850
_cell.length_c   59.770
_cell.angle_alpha   108.32
_cell.angle_beta   101.00
_cell.angle_gamma   98.26
#
_symmetry.space_group_name_H-M   'P 1'
#
loop_
_entity.id
_entity.type
_entity.pdbx_description
1 polymer 'Katanin p80 WD40 repeat-containing subunit B1'
2 polymer 'Katanin p60 ATPase-containing subunit A1'
3 non-polymer DI(HYDROXYETHYL)ETHER
4 non-polymer 1,2-ETHANEDIOL
5 water water
#
loop_
_entity_poly.entity_id
_entity_poly.type
_entity_poly.pdbx_seq_one_letter_code
_entity_poly.pdbx_strand_id
1 'polypeptide(L)'
;MGSSHHHHHHSSGLVPRGSHMASMTGGQQMGRGSQQAELVDEDAMSQIRKGHDTMFVVLTSRHKNLDTVRAVWTTGDIKT
SVDSAVAINDLSVVVDLLNIVNQKASLWALDLCTTVLPQIEKLLQSKYESYVQTGCTSLKLILQAFLPLITDILAAPPSV
GVDISREERLHKCRLCFKQLKSISGLVKSKSGLSGRHGSAFRELHLLMASLD
;
A,C
2 'polypeptide(L)' MGMSLQMIVENVKLAREYALLGNYDSAMVYYQGVLDQMNKYLYSVKDTHLRQKWQQVWQEINVEAKQVKDIMKTLESFKL B,D
#
loop_
_chem_comp.id
_chem_comp.type
_chem_comp.name
_chem_comp.formula
EDO non-polymer 1,2-ETHANEDIOL 'C2 H6 O2'
PEG non-polymer DI(HYDROXYETHYL)ETHER 'C4 H10 O3'
#
# COMPACT_ATOMS: atom_id res chain seq x y z
N VAL A 40 -42.83 -6.70 34.01
CA VAL A 40 -44.09 -6.25 33.44
C VAL A 40 -43.86 -5.75 32.01
N ASP A 41 -44.92 -5.73 31.20
CA ASP A 41 -44.79 -5.33 29.80
C ASP A 41 -44.50 -3.84 29.66
N GLU A 42 -45.24 -3.00 30.39
CA GLU A 42 -45.12 -1.56 30.20
C GLU A 42 -43.70 -1.06 30.48
N ASP A 43 -43.08 -1.55 31.54
CA ASP A 43 -41.70 -1.15 31.81
C ASP A 43 -40.75 -1.72 30.77
N ALA A 44 -40.97 -2.98 30.37
CA ALA A 44 -40.07 -3.62 29.41
C ALA A 44 -40.10 -2.90 28.06
N MET A 45 -41.30 -2.65 27.52
CA MET A 45 -41.40 -1.94 26.25
C MET A 45 -40.89 -0.51 26.37
N SER A 46 -41.26 0.19 27.44
CA SER A 46 -40.80 1.56 27.63
C SER A 46 -39.28 1.64 27.67
N GLN A 47 -38.62 0.65 28.28
CA GLN A 47 -37.16 0.65 28.33
C GLN A 47 -36.57 0.38 26.96
N ILE A 48 -37.18 -0.52 26.19
CA ILE A 48 -36.62 -0.86 24.88
C ILE A 48 -36.78 0.29 23.90
N ARG A 49 -37.96 0.89 23.87
CA ARG A 49 -38.24 1.97 22.92
C ARG A 49 -37.50 3.25 23.30
N LYS A 50 -37.16 3.41 24.57
CA LYS A 50 -36.39 4.56 25.05
C LYS A 50 -35.18 4.85 24.17
N GLY A 51 -34.46 3.81 23.76
CA GLY A 51 -33.22 3.96 23.03
C GLY A 51 -33.30 3.86 21.52
N HIS A 52 -34.49 3.71 20.95
CA HIS A 52 -34.59 3.40 19.53
C HIS A 52 -34.15 4.58 18.66
N ASP A 53 -34.63 5.78 18.98
CA ASP A 53 -34.33 6.94 18.14
C ASP A 53 -32.82 7.22 18.08
N THR A 54 -32.14 7.13 19.22
CA THR A 54 -30.69 7.34 19.24
C THR A 54 -29.97 6.29 18.40
N MET A 55 -30.36 5.02 18.50
CA MET A 55 -29.74 3.98 17.70
C MET A 55 -29.92 4.25 16.22
N PHE A 56 -31.14 4.64 15.82
CA PHE A 56 -31.40 4.94 14.41
C PHE A 56 -30.47 6.03 13.90
N VAL A 57 -30.32 7.12 14.65
CA VAL A 57 -29.53 8.24 14.18
C VAL A 57 -28.05 7.86 14.10
N VAL A 58 -27.54 7.17 15.12
CA VAL A 58 -26.14 6.80 15.16
C VAL A 58 -25.78 5.86 14.00
N LEU A 59 -26.62 4.85 13.77
CA LEU A 59 -26.32 3.87 12.73
C LEU A 59 -26.50 4.45 11.33
N THR A 60 -27.50 5.30 11.14
CA THR A 60 -27.69 5.95 9.85
C THR A 60 -26.50 6.87 9.53
N SER A 61 -26.11 7.70 10.50
CA SER A 61 -25.01 8.62 10.27
C SER A 61 -23.69 7.88 10.08
N ARG A 62 -23.47 6.80 10.82
CA ARG A 62 -22.25 6.02 10.64
C ARG A 62 -22.24 5.34 9.28
N HIS A 63 -23.38 4.78 8.87
CA HIS A 63 -23.48 4.17 7.55
C HIS A 63 -23.20 5.18 6.44
N LYS A 64 -23.78 6.38 6.55
CA LYS A 64 -23.52 7.42 5.56
C LYS A 64 -22.04 7.77 5.49
N ASN A 65 -21.38 7.87 6.64
CA ASN A 65 -19.97 8.24 6.67
C ASN A 65 -19.10 7.14 6.09
N LEU A 66 -19.41 5.88 6.40
CA LEU A 66 -18.68 4.77 5.82
C LEU A 66 -18.84 4.74 4.30
N ASP A 67 -20.03 5.07 3.81
CA ASP A 67 -20.26 5.07 2.37
C ASP A 67 -19.44 6.16 1.69
N THR A 68 -19.27 7.31 2.34
CA THR A 68 -18.40 8.34 1.79
C THR A 68 -16.98 7.81 1.65
N VAL A 69 -16.47 7.13 2.67
CA VAL A 69 -15.13 6.58 2.62
C VAL A 69 -15.04 5.46 1.57
N ARG A 70 -16.05 4.58 1.53
CA ARG A 70 -16.02 3.47 0.58
C ARG A 70 -15.95 3.99 -0.85
N ALA A 71 -16.65 5.09 -1.15
CA ALA A 71 -16.63 5.65 -2.49
C ALA A 71 -15.23 6.10 -2.88
N VAL A 72 -14.51 6.73 -1.94
CA VAL A 72 -13.14 7.13 -2.22
C VAL A 72 -12.24 5.91 -2.35
N TRP A 73 -12.53 4.85 -1.58
CA TRP A 73 -11.71 3.65 -1.61
C TRP A 73 -11.79 2.94 -2.95
N THR A 74 -13.00 2.82 -3.52
CA THR A 74 -13.14 2.08 -4.77
C THR A 74 -12.41 2.76 -5.92
N THR A 75 -12.26 4.09 -5.86
CA THR A 75 -11.44 4.79 -6.85
C THR A 75 -9.98 4.38 -6.77
N GLY A 76 -9.54 3.80 -5.66
CA GLY A 76 -8.19 3.28 -5.54
C GLY A 76 -7.23 4.14 -4.75
N ASP A 77 -7.62 5.36 -4.39
CA ASP A 77 -6.71 6.30 -3.73
C ASP A 77 -6.70 6.00 -2.23
N ILE A 78 -5.64 5.32 -1.78
CA ILE A 78 -5.50 5.01 -0.36
C ILE A 78 -5.33 6.29 0.45
N LYS A 79 -4.59 7.26 -0.08
CA LYS A 79 -4.27 8.46 0.69
C LYS A 79 -5.53 9.25 1.02
N THR A 80 -6.28 9.66 0.00
CA THR A 80 -7.47 10.48 0.23
C THR A 80 -8.61 9.72 0.89
N SER A 81 -8.56 8.38 0.93
CA SER A 81 -9.59 7.64 1.65
C SER A 81 -9.31 7.65 3.15
N VAL A 82 -8.04 7.53 3.53
CA VAL A 82 -7.67 7.76 4.92
C VAL A 82 -7.97 9.20 5.32
N ASP A 83 -7.63 10.15 4.45
CA ASP A 83 -7.86 11.56 4.74
C ASP A 83 -9.34 11.85 4.92
N SER A 84 -10.19 11.25 4.09
CA SER A 84 -11.63 11.52 4.19
C SER A 84 -12.21 10.94 5.48
N ALA A 85 -11.73 9.77 5.90
CA ALA A 85 -12.14 9.24 7.19
C ALA A 85 -11.79 10.20 8.32
N VAL A 86 -10.56 10.73 8.31
CA VAL A 86 -10.18 11.72 9.31
C VAL A 86 -11.04 12.97 9.16
N ALA A 87 -11.25 13.42 7.92
CA ALA A 87 -12.03 14.63 7.67
C ALA A 87 -13.46 14.49 8.17
N ILE A 88 -14.04 13.28 8.08
CA ILE A 88 -15.37 13.04 8.64
C ILE A 88 -15.40 13.39 10.12
N ASN A 89 -14.28 13.18 10.82
CA ASN A 89 -14.13 13.53 12.24
C ASN A 89 -15.14 12.77 13.09
N ASP A 90 -15.21 11.46 12.86
CA ASP A 90 -16.06 10.56 13.63
C ASP A 90 -15.22 9.36 14.02
N LEU A 91 -14.86 9.27 15.31
CA LEU A 91 -13.94 8.23 15.75
C LEU A 91 -14.50 6.83 15.48
N SER A 92 -15.83 6.67 15.51
CA SER A 92 -16.40 5.34 15.28
C SER A 92 -16.19 4.87 13.85
N VAL A 93 -16.15 5.80 12.88
CA VAL A 93 -15.82 5.41 11.51
C VAL A 93 -14.36 5.01 11.40
N VAL A 94 -13.47 5.72 12.08
CA VAL A 94 -12.06 5.34 12.09
C VAL A 94 -11.90 3.94 12.67
N VAL A 95 -12.61 3.65 13.77
CA VAL A 95 -12.50 2.34 14.40
C VAL A 95 -12.93 1.24 13.42
N ASP A 96 -14.07 1.43 12.76
CA ASP A 96 -14.56 0.43 11.80
C ASP A 96 -13.53 0.17 10.71
N LEU A 97 -12.92 1.23 10.17
CA LEU A 97 -11.96 1.04 9.08
C LEU A 97 -10.66 0.43 9.57
N LEU A 98 -10.14 0.87 10.73
CA LEU A 98 -8.92 0.26 11.23
C LEU A 98 -9.15 -1.20 11.58
N ASN A 99 -10.36 -1.56 12.01
CA ASN A 99 -10.65 -2.98 12.27
C ASN A 99 -10.55 -3.80 10.98
N ILE A 100 -11.00 -3.25 9.85
CA ILE A 100 -10.85 -3.94 8.57
C ILE A 100 -9.38 -4.05 8.19
N VAL A 101 -8.64 -2.94 8.27
CA VAL A 101 -7.21 -2.95 7.95
C VAL A 101 -6.46 -3.95 8.81
N ASN A 102 -6.73 -3.95 10.13
CA ASN A 102 -5.99 -4.81 11.03
C ASN A 102 -6.16 -6.28 10.69
N GLN A 103 -7.35 -6.69 10.23
CA GLN A 103 -7.54 -8.09 9.89
C GLN A 103 -7.01 -8.46 8.52
N LYS A 104 -6.83 -7.48 7.61
CA LYS A 104 -6.45 -7.79 6.23
C LYS A 104 -5.00 -7.44 5.89
N ALA A 105 -4.33 -6.64 6.72
CA ALA A 105 -3.03 -6.08 6.31
C ALA A 105 -2.00 -7.17 6.08
N SER A 106 -1.92 -8.16 6.97
CA SER A 106 -0.94 -9.22 6.80
C SER A 106 -1.19 -10.02 5.54
N LEU A 107 -2.46 -10.30 5.23
CA LEU A 107 -2.78 -11.01 3.99
C LEU A 107 -2.43 -10.19 2.75
N TRP A 108 -2.62 -8.87 2.82
CA TRP A 108 -2.22 -8.00 1.72
C TRP A 108 -0.71 -8.08 1.51
N ALA A 109 0.05 -7.98 2.60
CA ALA A 109 1.50 -8.04 2.51
C ALA A 109 1.97 -9.40 1.99
N LEU A 110 1.33 -10.48 2.45
CA LEU A 110 1.73 -11.82 2.00
C LEU A 110 1.45 -12.01 0.52
N ASP A 111 0.28 -11.56 0.06
CA ASP A 111 -0.06 -11.66 -1.35
C ASP A 111 0.92 -10.87 -2.20
N LEU A 112 1.26 -9.65 -1.77
CA LEU A 112 2.27 -8.87 -2.47
C LEU A 112 3.60 -9.61 -2.51
N CYS A 113 4.04 -10.16 -1.37
CA CYS A 113 5.32 -10.84 -1.32
C CYS A 113 5.37 -12.04 -2.25
N THR A 114 4.33 -12.87 -2.24
CA THR A 114 4.37 -14.08 -3.06
C THR A 114 4.36 -13.79 -4.56
N THR A 115 3.92 -12.60 -4.97
CA THR A 115 4.01 -12.21 -6.37
C THR A 115 5.35 -11.55 -6.69
N VAL A 116 5.89 -10.77 -5.76
CA VAL A 116 7.07 -9.96 -6.04
C VAL A 116 8.37 -10.76 -5.88
N LEU A 117 8.41 -11.69 -4.94
CA LEU A 117 9.66 -12.40 -4.66
C LEU A 117 10.22 -13.14 -5.88
N PRO A 118 9.43 -13.83 -6.71
CA PRO A 118 10.01 -14.45 -7.92
C PRO A 118 10.62 -13.43 -8.87
N GLN A 119 10.03 -12.24 -8.98
CA GLN A 119 10.62 -11.18 -9.79
C GLN A 119 11.96 -10.73 -9.22
N ILE A 120 12.03 -10.56 -7.90
CA ILE A 120 13.28 -10.17 -7.26
C ILE A 120 14.35 -11.21 -7.51
N GLU A 121 13.99 -12.50 -7.43
CA GLU A 121 14.97 -13.56 -7.66
C GLU A 121 15.55 -13.46 -9.06
N LYS A 122 14.71 -13.16 -10.06
CA LYS A 122 15.20 -12.94 -11.41
C LYS A 122 16.16 -11.76 -11.46
N LEU A 123 15.78 -10.66 -10.81
CA LEU A 123 16.63 -9.47 -10.80
C LEU A 123 17.97 -9.75 -10.16
N LEU A 124 17.99 -10.50 -9.06
CA LEU A 124 19.24 -10.81 -8.39
C LEU A 124 20.15 -11.68 -9.23
N GLN A 125 19.61 -12.38 -10.22
CA GLN A 125 20.39 -13.24 -11.10
C GLN A 125 20.77 -12.56 -12.40
N SER A 126 20.41 -11.29 -12.57
CA SER A 126 20.62 -10.59 -13.83
C SER A 126 22.11 -10.33 -14.05
N LYS A 127 22.50 -10.26 -15.34
CA LYS A 127 23.84 -9.83 -15.68
C LYS A 127 23.99 -8.31 -15.67
N TYR A 128 22.90 -7.57 -15.55
CA TYR A 128 22.96 -6.11 -15.46
C TYR A 128 23.06 -5.70 -14.00
N GLU A 129 24.12 -4.97 -13.67
CA GLU A 129 24.33 -4.53 -12.30
C GLU A 129 23.14 -3.76 -11.74
N SER A 130 22.55 -2.87 -12.54
CA SER A 130 21.46 -2.06 -12.05
C SER A 130 20.22 -2.90 -11.76
N TYR A 131 19.98 -3.96 -12.54
CA TYR A 131 18.88 -4.87 -12.25
C TYR A 131 19.08 -5.53 -10.89
N VAL A 132 20.30 -6.00 -10.64
CA VAL A 132 20.62 -6.60 -9.34
C VAL A 132 20.41 -5.58 -8.23
N GLN A 133 20.87 -4.35 -8.45
CA GLN A 133 20.68 -3.32 -7.43
C GLN A 133 19.20 -3.06 -7.18
N THR A 134 18.39 -3.01 -8.23
CA THR A 134 16.95 -2.82 -8.04
C THR A 134 16.34 -3.96 -7.23
N GLY A 135 16.73 -5.20 -7.55
CA GLY A 135 16.23 -6.34 -6.79
C GLY A 135 16.68 -6.30 -5.34
N CYS A 136 17.90 -5.83 -5.09
CA CYS A 136 18.40 -5.74 -3.71
C CYS A 136 17.62 -4.73 -2.90
N THR A 137 17.37 -3.56 -3.48
CA THR A 137 16.61 -2.52 -2.78
C THR A 137 15.19 -3.00 -2.47
N SER A 138 14.52 -3.61 -3.45
CA SER A 138 13.17 -4.08 -3.20
C SER A 138 13.16 -5.20 -2.15
N LEU A 139 14.18 -6.06 -2.16
CA LEU A 139 14.23 -7.14 -1.18
C LEU A 139 14.42 -6.59 0.22
N LYS A 140 15.30 -5.61 0.37
CA LYS A 140 15.51 -4.98 1.67
C LYS A 140 14.20 -4.42 2.22
N LEU A 141 13.45 -3.69 1.39
CA LEU A 141 12.19 -3.11 1.86
C LEU A 141 11.21 -4.19 2.30
N ILE A 142 11.13 -5.29 1.54
CA ILE A 142 10.26 -6.39 1.91
C ILE A 142 10.67 -7.00 3.25
N LEU A 143 11.98 -7.24 3.42
CA LEU A 143 12.46 -7.82 4.67
C LEU A 143 12.21 -6.91 5.85
N GLN A 144 12.46 -5.61 5.67
CA GLN A 144 12.24 -4.65 6.75
C GLN A 144 10.78 -4.59 7.15
N ALA A 145 9.88 -4.52 6.17
CA ALA A 145 8.49 -4.21 6.45
C ALA A 145 7.66 -5.45 6.74
N PHE A 146 7.92 -6.55 6.06
CA PHE A 146 7.02 -7.69 6.05
C PHE A 146 7.52 -8.91 6.79
N LEU A 147 8.83 -9.09 6.89
CA LEU A 147 9.36 -10.25 7.62
C LEU A 147 8.85 -10.31 9.06
N PRO A 148 8.73 -9.20 9.81
CA PRO A 148 8.14 -9.32 11.16
C PRO A 148 6.73 -9.88 11.16
N LEU A 149 5.89 -9.45 10.20
CA LEU A 149 4.53 -9.99 10.11
C LEU A 149 4.56 -11.48 9.80
N ILE A 150 5.45 -11.89 8.90
CA ILE A 150 5.52 -13.30 8.52
C ILE A 150 5.93 -14.15 9.70
N THR A 151 6.89 -13.67 10.50
CA THR A 151 7.32 -14.39 11.69
C THR A 151 6.16 -14.62 12.65
N ASP A 152 5.33 -13.58 12.86
CA ASP A 152 4.25 -13.70 13.84
C ASP A 152 3.19 -14.70 13.37
N ILE A 153 2.91 -14.74 12.07
CA ILE A 153 1.91 -15.68 11.57
C ILE A 153 2.37 -17.12 11.81
N LEU A 154 3.61 -17.41 11.41
CA LEU A 154 4.14 -18.76 11.61
C LEU A 154 4.33 -19.11 13.07
N ALA A 155 4.21 -18.14 13.98
CA ALA A 155 4.36 -18.34 15.42
C ALA A 155 3.02 -18.00 16.08
N ALA A 156 2.04 -18.89 15.94
CA ALA A 156 0.72 -18.65 16.48
C ALA A 156 0.05 -20.00 16.70
N PRO A 157 -0.89 -20.08 17.67
CA PRO A 157 -1.68 -21.31 17.91
C PRO A 157 -2.44 -21.78 16.67
N ASP A 163 -10.55 -18.94 11.44
CA ASP A 163 -10.93 -20.14 10.69
C ASP A 163 -10.36 -20.11 9.28
N ILE A 164 -11.23 -19.90 8.28
CA ILE A 164 -10.77 -19.91 6.90
C ILE A 164 -9.75 -18.81 6.64
N SER A 165 -9.86 -17.67 7.33
CA SER A 165 -8.95 -16.57 7.03
C SER A 165 -7.56 -16.85 7.60
N ARG A 166 -7.49 -17.46 8.79
CA ARG A 166 -6.19 -17.82 9.35
C ARG A 166 -5.52 -18.89 8.51
N GLU A 167 -6.29 -19.87 8.06
CA GLU A 167 -5.72 -20.92 7.22
C GLU A 167 -5.19 -20.36 5.91
N GLU A 168 -5.89 -19.36 5.34
CA GLU A 168 -5.41 -18.77 4.11
C GLU A 168 -4.09 -18.02 4.34
N ARG A 169 -4.00 -17.26 5.44
CA ARG A 169 -2.74 -16.57 5.75
C ARG A 169 -1.61 -17.57 5.95
N LEU A 170 -1.84 -18.61 6.75
CA LEU A 170 -0.80 -19.59 7.03
C LEU A 170 -0.34 -20.28 5.75
N HIS A 171 -1.26 -20.53 4.82
CA HIS A 171 -0.90 -21.15 3.55
C HIS A 171 0.01 -20.24 2.74
N LYS A 172 -0.37 -18.97 2.59
CA LYS A 172 0.45 -18.02 1.83
C LYS A 172 1.73 -17.67 2.56
N CYS A 173 1.69 -17.68 3.90
CA CYS A 173 2.89 -17.44 4.68
C CYS A 173 3.94 -18.51 4.45
N ARG A 174 3.51 -19.78 4.37
CA ARG A 174 4.45 -20.88 4.16
C ARG A 174 5.11 -20.79 2.79
N LEU A 175 4.33 -20.46 1.76
CA LEU A 175 4.91 -20.26 0.42
C LEU A 175 5.91 -19.10 0.43
N CYS A 176 5.52 -17.99 1.06
CA CYS A 176 6.40 -16.84 1.14
C CYS A 176 7.72 -17.19 1.83
N PHE A 177 7.65 -17.97 2.90
CA PHE A 177 8.87 -18.37 3.60
C PHE A 177 9.72 -19.30 2.72
N LYS A 178 9.09 -20.14 1.91
CA LYS A 178 9.81 -20.96 0.95
C LYS A 178 10.58 -20.10 -0.05
N GLN A 179 9.92 -19.08 -0.60
CA GLN A 179 10.58 -18.17 -1.53
C GLN A 179 11.75 -17.44 -0.89
N LEU A 180 11.58 -16.97 0.34
CA LEU A 180 12.67 -16.25 1.01
C LEU A 180 13.86 -17.15 1.27
N LYS A 181 13.61 -18.40 1.67
CA LYS A 181 14.72 -19.33 1.90
C LYS A 181 15.49 -19.59 0.62
N SER A 182 14.79 -19.70 -0.51
CA SER A 182 15.47 -19.84 -1.80
C SER A 182 16.32 -18.61 -2.10
N ILE A 183 15.74 -17.42 -1.98
CA ILE A 183 16.48 -16.18 -2.19
C ILE A 183 17.64 -16.07 -1.20
N SER A 184 17.46 -16.58 0.02
CA SER A 184 18.49 -16.51 1.05
C SER A 184 19.80 -17.13 0.56
N GLY A 185 19.73 -18.32 -0.03
CA GLY A 185 20.92 -18.96 -0.53
C GLY A 185 21.61 -18.15 -1.61
N LEU A 186 20.83 -17.56 -2.51
CA LEU A 186 21.40 -16.69 -3.53
C LEU A 186 22.10 -15.49 -2.89
N VAL A 187 21.47 -14.87 -1.89
CA VAL A 187 22.05 -13.70 -1.24
C VAL A 187 23.37 -14.06 -0.56
N LYS A 188 23.42 -15.20 0.13
CA LYS A 188 24.63 -15.58 0.85
C LYS A 188 25.77 -15.86 -0.11
N SER A 189 25.48 -16.47 -1.26
CA SER A 189 26.54 -16.79 -2.22
C SER A 189 27.12 -15.52 -2.83
N LYS A 190 26.27 -14.55 -3.16
CA LYS A 190 26.76 -13.31 -3.73
C LYS A 190 27.31 -12.35 -2.68
N SER A 191 27.16 -12.65 -1.39
CA SER A 191 27.80 -11.80 -0.39
C SER A 191 29.30 -11.98 -0.36
N GLY A 192 29.83 -12.96 -1.11
CA GLY A 192 31.26 -13.14 -1.27
C GLY A 192 31.90 -12.25 -2.30
N LEU A 193 31.11 -11.50 -3.06
CA LEU A 193 31.63 -10.59 -4.06
C LEU A 193 32.18 -9.32 -3.41
N SER A 194 33.22 -8.76 -4.01
CA SER A 194 33.77 -7.49 -3.56
C SER A 194 34.61 -6.86 -4.65
N GLY A 198 28.76 -5.91 -4.09
CA GLY A 198 28.88 -7.06 -3.20
C GLY A 198 28.48 -6.78 -1.77
N SER A 199 28.57 -5.50 -1.36
CA SER A 199 28.25 -5.13 0.01
C SER A 199 26.76 -5.19 0.28
N ALA A 200 25.92 -4.89 -0.72
CA ALA A 200 24.47 -4.93 -0.51
C ALA A 200 24.00 -6.32 -0.13
N PHE A 201 24.68 -7.37 -0.61
CA PHE A 201 24.27 -8.72 -0.24
C PHE A 201 24.64 -9.06 1.19
N ARG A 202 25.65 -8.39 1.75
CA ARG A 202 26.00 -8.62 3.15
C ARG A 202 24.97 -7.99 4.08
N GLU A 203 24.48 -6.80 3.73
CA GLU A 203 23.38 -6.21 4.50
C GLU A 203 22.13 -7.07 4.40
N LEU A 204 21.83 -7.59 3.20
CA LEU A 204 20.67 -8.45 3.04
C LEU A 204 20.85 -9.75 3.81
N HIS A 205 22.07 -10.27 3.83
CA HIS A 205 22.37 -11.47 4.60
C HIS A 205 22.05 -11.25 6.07
N LEU A 206 22.41 -10.08 6.60
CA LEU A 206 22.12 -9.73 7.99
C LEU A 206 20.63 -9.67 8.25
N LEU A 207 19.85 -9.05 7.34
CA LEU A 207 18.40 -8.96 7.50
C LEU A 207 17.72 -10.31 7.40
N MET A 208 18.40 -11.32 6.84
CA MET A 208 17.82 -12.64 6.65
C MET A 208 18.38 -13.68 7.62
N ALA A 209 19.05 -13.21 8.68
CA ALA A 209 19.70 -14.13 9.61
C ALA A 209 18.72 -15.13 10.22
N SER A 210 17.48 -14.70 10.47
CA SER A 210 16.47 -15.56 11.08
C SER A 210 15.97 -16.67 10.15
N LEU A 211 16.62 -16.95 9.02
CA LEU A 211 16.18 -17.98 8.10
C LEU A 211 17.17 -19.12 7.93
N ASP A 212 18.42 -18.95 8.36
CA ASP A 212 19.43 -20.00 8.22
C ASP A 212 19.37 -20.97 9.39
N MET B 3 35.32 19.92 -31.75
CA MET B 3 34.28 19.00 -31.29
C MET B 3 34.53 17.60 -31.85
N SER B 4 34.82 16.67 -30.94
CA SER B 4 35.23 15.32 -31.34
C SER B 4 34.04 14.49 -31.81
N LEU B 5 34.18 13.89 -33.00
CA LEU B 5 33.14 13.00 -33.50
C LEU B 5 33.12 11.69 -32.73
N GLN B 6 34.29 11.19 -32.34
CA GLN B 6 34.34 9.96 -31.55
C GLN B 6 33.71 10.18 -30.18
N MET B 7 33.74 11.42 -29.68
CA MET B 7 33.08 11.72 -28.42
C MET B 7 31.56 11.78 -28.62
N ILE B 8 31.10 12.28 -29.76
CA ILE B 8 29.68 12.27 -30.06
C ILE B 8 29.18 10.84 -30.19
N VAL B 9 29.94 9.98 -30.87
CA VAL B 9 29.56 8.57 -30.96
C VAL B 9 29.48 7.95 -29.57
N GLU B 10 30.47 8.25 -28.72
CA GLU B 10 30.48 7.68 -27.38
C GLU B 10 29.28 8.15 -26.58
N ASN B 11 28.96 9.43 -26.64
CA ASN B 11 27.85 9.96 -25.87
C ASN B 11 26.52 9.43 -26.37
N VAL B 12 26.38 9.18 -27.69
CA VAL B 12 25.19 8.50 -28.17
C VAL B 12 25.11 7.11 -27.56
N LYS B 13 26.25 6.39 -27.54
CA LYS B 13 26.29 5.06 -26.97
C LYS B 13 25.91 5.07 -25.50
N LEU B 14 26.38 6.08 -24.75
CA LEU B 14 26.05 6.16 -23.33
C LEU B 14 24.55 6.44 -23.13
N ALA B 15 24.01 7.39 -23.89
CA ALA B 15 22.58 7.71 -23.78
C ALA B 15 21.73 6.48 -24.03
N ARG B 16 22.06 5.70 -25.07
CA ARG B 16 21.27 4.51 -25.38
C ARG B 16 21.40 3.45 -24.30
N GLU B 17 22.62 3.25 -23.77
CA GLU B 17 22.81 2.24 -22.74
C GLU B 17 22.01 2.58 -21.48
N TYR B 18 22.07 3.84 -21.04
CA TYR B 18 21.29 4.24 -19.87
C TYR B 18 19.79 4.06 -20.13
N ALA B 19 19.33 4.41 -21.32
CA ALA B 19 17.92 4.26 -21.65
C ALA B 19 17.50 2.79 -21.68
N LEU B 20 18.32 1.93 -22.31
CA LEU B 20 18.01 0.51 -22.31
C LEU B 20 17.91 -0.03 -20.88
N LEU B 21 18.70 0.51 -19.96
CA LEU B 21 18.73 0.03 -18.58
C LEU B 21 17.72 0.74 -17.68
N GLY B 22 16.88 1.61 -18.22
CA GLY B 22 15.90 2.28 -17.39
C GLY B 22 16.44 3.39 -16.53
N ASN B 23 17.68 3.85 -16.78
CA ASN B 23 18.22 5.02 -16.09
C ASN B 23 17.91 6.23 -16.97
N TYR B 24 16.66 6.69 -16.87
CA TYR B 24 16.18 7.69 -17.80
C TYR B 24 16.71 9.08 -17.50
N ASP B 25 16.92 9.42 -16.23
CA ASP B 25 17.54 10.70 -15.90
C ASP B 25 18.90 10.84 -16.56
N SER B 26 19.76 9.83 -16.39
CA SER B 26 21.09 9.89 -16.96
C SER B 26 21.05 9.82 -18.48
N ALA B 27 20.10 9.05 -19.03
CA ALA B 27 19.96 8.97 -20.48
C ALA B 27 19.63 10.33 -21.08
N MET B 28 18.72 11.07 -20.43
CA MET B 28 18.34 12.38 -20.95
C MET B 28 19.50 13.36 -20.89
N VAL B 29 20.36 13.24 -19.89
CA VAL B 29 21.54 14.10 -19.84
C VAL B 29 22.40 13.88 -21.07
N TYR B 30 22.63 12.63 -21.44
CA TYR B 30 23.49 12.39 -22.60
C TYR B 30 22.77 12.67 -23.89
N TYR B 31 21.47 12.38 -23.96
CA TYR B 31 20.69 12.69 -25.16
C TYR B 31 20.67 14.19 -25.43
N GLN B 32 20.42 14.99 -24.39
CA GLN B 32 20.50 16.44 -24.59
C GLN B 32 21.93 16.87 -24.89
N GLY B 33 22.92 16.19 -24.31
CA GLY B 33 24.30 16.48 -24.63
C GLY B 33 24.62 16.24 -26.10
N VAL B 34 24.27 15.05 -26.61
CA VAL B 34 24.61 14.71 -27.99
C VAL B 34 23.86 15.62 -28.96
N LEU B 35 22.60 15.93 -28.66
CA LEU B 35 21.82 16.78 -29.55
C LEU B 35 22.44 18.17 -29.66
N ASP B 36 22.93 18.71 -28.55
CA ASP B 36 23.62 19.99 -28.58
C ASP B 36 24.99 19.86 -29.25
N GLN B 37 25.78 18.85 -28.85
CA GLN B 37 27.09 18.64 -29.46
C GLN B 37 26.96 18.41 -30.96
N MET B 38 25.97 17.62 -31.38
CA MET B 38 25.80 17.34 -32.80
C MET B 38 25.32 18.57 -33.56
N ASN B 39 24.51 19.41 -32.92
CA ASN B 39 24.02 20.62 -33.58
C ASN B 39 25.13 21.65 -33.69
N LYS B 40 26.00 21.73 -32.67
CA LYS B 40 27.14 22.63 -32.74
C LYS B 40 28.10 22.20 -33.84
N TYR B 41 28.31 20.88 -33.98
CA TYR B 41 29.10 20.38 -35.11
C TYR B 41 28.35 20.51 -36.43
N LEU B 42 27.01 20.46 -36.38
CA LEU B 42 26.21 20.49 -37.60
C LEU B 42 26.48 21.76 -38.41
N TYR B 43 26.44 22.92 -37.76
CA TYR B 43 26.71 24.16 -38.46
C TYR B 43 28.19 24.36 -38.76
N SER B 44 29.07 23.52 -38.22
CA SER B 44 30.46 23.52 -38.64
C SER B 44 30.66 22.86 -39.99
N VAL B 45 29.67 22.10 -40.47
CA VAL B 45 29.77 21.42 -41.75
C VAL B 45 29.39 22.39 -42.86
N LYS B 46 30.33 22.65 -43.77
CA LYS B 46 30.11 23.54 -44.90
C LYS B 46 29.49 22.81 -46.10
N ASP B 47 29.81 21.54 -46.28
CA ASP B 47 29.22 20.76 -47.36
C ASP B 47 27.72 20.64 -47.16
N THR B 48 26.95 20.90 -48.22
CA THR B 48 25.50 20.83 -48.13
C THR B 48 25.02 19.39 -48.01
N HIS B 49 25.58 18.49 -48.81
CA HIS B 49 25.15 17.09 -48.76
C HIS B 49 25.50 16.44 -47.42
N LEU B 50 26.73 16.65 -46.96
CA LEU B 50 27.15 16.09 -45.68
C LEU B 50 26.32 16.65 -44.53
N ARG B 51 25.92 17.92 -44.63
CA ARG B 51 25.12 18.53 -43.57
C ARG B 51 23.72 17.93 -43.48
N GLN B 52 23.07 17.66 -44.61
CA GLN B 52 21.72 17.11 -44.58
C GLN B 52 21.70 15.74 -43.93
N LYS B 53 22.72 14.92 -44.21
CA LYS B 53 22.76 13.58 -43.63
C LYS B 53 22.96 13.64 -42.12
N TRP B 54 23.74 14.60 -41.64
CA TRP B 54 23.84 14.79 -40.18
C TRP B 54 22.52 15.26 -39.59
N GLN B 55 21.75 16.05 -40.34
CA GLN B 55 20.46 16.52 -39.83
C GLN B 55 19.51 15.34 -39.62
N GLN B 56 19.58 14.33 -40.49
CA GLN B 56 18.73 13.17 -40.29
C GLN B 56 19.25 12.28 -39.16
N VAL B 57 20.56 12.29 -38.91
CA VAL B 57 21.08 11.61 -37.72
C VAL B 57 20.58 12.31 -36.46
N TRP B 58 20.72 13.64 -36.42
CA TRP B 58 20.19 14.42 -35.30
C TRP B 58 18.71 14.13 -35.06
N GLN B 59 17.93 14.04 -36.14
CA GLN B 59 16.50 13.78 -36.00
C GLN B 59 16.25 12.41 -35.38
N GLU B 60 17.01 11.39 -35.80
CA GLU B 60 16.84 10.06 -35.23
C GLU B 60 17.16 10.04 -33.74
N ILE B 61 18.25 10.72 -33.34
CA ILE B 61 18.56 10.83 -31.92
C ILE B 61 17.46 11.60 -31.20
N ASN B 62 16.94 12.65 -31.85
CA ASN B 62 15.87 13.43 -31.24
C ASN B 62 14.62 12.58 -31.03
N VAL B 63 14.36 11.66 -31.96
CA VAL B 63 13.23 10.74 -31.79
C VAL B 63 13.43 9.88 -30.55
N GLU B 64 14.63 9.30 -30.40
CA GLU B 64 14.93 8.49 -29.22
C GLU B 64 14.79 9.29 -27.93
N ALA B 65 15.28 10.54 -27.95
CA ALA B 65 15.16 11.38 -26.76
C ALA B 65 13.71 11.67 -26.44
N LYS B 66 12.86 11.84 -27.47
CA LYS B 66 11.45 12.10 -27.23
C LYS B 66 10.75 10.87 -26.64
N GLN B 67 11.16 9.67 -27.04
CA GLN B 67 10.56 8.46 -26.47
C GLN B 67 10.93 8.30 -25.00
N VAL B 68 12.17 8.62 -24.63
CA VAL B 68 12.56 8.57 -23.23
C VAL B 68 11.72 9.54 -22.42
N LYS B 69 11.60 10.78 -22.90
CA LYS B 69 10.74 11.77 -22.26
C LYS B 69 9.33 11.24 -22.06
N ASP B 70 8.76 10.64 -23.12
CA ASP B 70 7.41 10.08 -23.02
C ASP B 70 7.32 8.98 -21.97
N ILE B 71 8.35 8.13 -21.90
CA ILE B 71 8.37 7.09 -20.87
C ILE B 71 8.40 7.72 -19.49
N MET B 72 9.24 8.73 -19.30
CA MET B 72 9.32 9.39 -18.01
C MET B 72 7.99 10.02 -17.62
N LYS B 73 7.30 10.64 -18.58
CA LYS B 73 5.99 11.22 -18.29
C LYS B 73 4.98 10.15 -17.88
N THR B 74 4.99 9.01 -18.57
CA THR B 74 4.11 7.90 -18.17
C THR B 74 4.44 7.43 -16.76
N LEU B 75 5.73 7.29 -16.44
CA LEU B 75 6.11 6.82 -15.11
C LEU B 75 5.70 7.82 -14.04
N GLU B 76 5.80 9.11 -14.33
CA GLU B 76 5.42 10.14 -13.36
C GLU B 76 3.93 10.12 -13.04
N SER B 77 3.11 9.46 -13.86
CA SER B 77 1.69 9.36 -13.54
C SER B 77 1.45 8.49 -12.30
N PHE B 78 2.33 7.53 -12.03
CA PHE B 78 2.16 6.61 -10.91
C PHE B 78 2.30 7.28 -9.55
N LYS B 79 2.98 8.42 -9.47
CA LYS B 79 3.26 9.09 -8.19
C LYS B 79 2.01 9.25 -7.31
N SER C 4 -38.80 -14.90 29.38
CA SER C 4 -38.42 -13.85 30.34
C SER C 4 -38.40 -12.47 29.68
N LEU C 5 -39.12 -11.52 30.28
CA LEU C 5 -39.09 -10.16 29.77
C LEU C 5 -37.76 -9.48 30.07
N GLN C 6 -37.17 -9.78 31.23
CA GLN C 6 -35.88 -9.20 31.57
C GLN C 6 -34.79 -9.67 30.61
N MET C 7 -34.95 -10.84 30.00
CA MET C 7 -33.99 -11.32 29.02
C MET C 7 -34.12 -10.58 27.69
N ILE C 8 -35.35 -10.29 27.26
CA ILE C 8 -35.54 -9.55 26.02
C ILE C 8 -34.99 -8.14 26.15
N VAL C 9 -35.27 -7.46 27.26
CA VAL C 9 -34.73 -6.13 27.49
C VAL C 9 -33.21 -6.17 27.54
N GLU C 10 -32.65 -7.16 28.24
CA GLU C 10 -31.19 -7.27 28.37
C GLU C 10 -30.55 -7.54 27.01
N ASN C 11 -31.12 -8.48 26.25
CA ASN C 11 -30.53 -8.83 24.97
C ASN C 11 -30.65 -7.69 23.96
N VAL C 12 -31.71 -6.87 24.05
CA VAL C 12 -31.77 -5.65 23.26
C VAL C 12 -30.62 -4.72 23.63
N LYS C 13 -30.38 -4.56 24.93
CA LYS C 13 -29.30 -3.69 25.38
C LYS C 13 -27.95 -4.17 24.85
N LEU C 14 -27.73 -5.49 24.85
CA LEU C 14 -26.44 -6.01 24.39
C LEU C 14 -26.26 -5.78 22.90
N ALA C 15 -27.28 -6.08 22.09
CA ALA C 15 -27.18 -5.87 20.66
C ALA C 15 -26.83 -4.43 20.34
N ARG C 16 -27.50 -3.48 21.01
CA ARG C 16 -27.23 -2.07 20.76
C ARG C 16 -25.83 -1.68 21.21
N GLU C 17 -25.38 -2.20 22.36
CA GLU C 17 -24.03 -1.89 22.82
C GLU C 17 -22.98 -2.42 21.84
N TYR C 18 -23.12 -3.66 21.41
CA TYR C 18 -22.19 -4.21 20.42
C TYR C 18 -22.21 -3.39 19.14
N ALA C 19 -23.38 -2.98 18.69
CA ALA C 19 -23.50 -2.19 17.46
C ALA C 19 -22.83 -0.83 17.62
N LEU C 20 -23.07 -0.16 18.75
CA LEU C 20 -22.44 1.14 19.00
C LEU C 20 -20.92 1.04 19.00
N LEU C 21 -20.39 -0.11 19.43
CA LEU C 21 -18.96 -0.32 19.54
C LEU C 21 -18.35 -0.90 18.27
N GLY C 22 -19.13 -1.05 17.20
CA GLY C 22 -18.61 -1.58 15.96
C GLY C 22 -18.36 -3.07 15.95
N ASN C 23 -18.88 -3.81 16.93
CA ASN C 23 -18.83 -5.26 16.93
C ASN C 23 -20.11 -5.76 16.26
N TYR C 24 -20.11 -5.71 14.93
CA TYR C 24 -21.34 -5.97 14.19
C TYR C 24 -21.68 -7.45 14.15
N ASP C 25 -20.67 -8.32 14.12
CA ASP C 25 -20.94 -9.76 14.17
C ASP C 25 -21.71 -10.13 15.44
N SER C 26 -21.22 -9.67 16.59
CA SER C 26 -21.91 -9.98 17.84
C SER C 26 -23.25 -9.25 17.94
N ALA C 27 -23.33 -8.02 17.40
CA ALA C 27 -24.60 -7.31 17.41
C ALA C 27 -25.66 -8.06 16.63
N MET C 28 -25.29 -8.61 15.46
CA MET C 28 -26.24 -9.32 14.62
C MET C 28 -26.74 -10.60 15.28
N VAL C 29 -25.88 -11.29 16.04
CA VAL C 29 -26.32 -12.47 16.76
C VAL C 29 -27.41 -12.11 17.76
N TYR C 30 -27.22 -11.02 18.51
CA TYR C 30 -28.21 -10.63 19.51
C TYR C 30 -29.43 -9.99 18.89
N TYR C 31 -29.27 -9.23 17.81
CA TYR C 31 -30.44 -8.68 17.12
C TYR C 31 -31.32 -9.81 16.59
N GLN C 32 -30.70 -10.82 15.96
CA GLN C 32 -31.47 -11.98 15.53
C GLN C 32 -32.00 -12.76 16.72
N GLY C 33 -31.26 -12.77 17.83
CA GLY C 33 -31.77 -13.39 19.03
C GLY C 33 -33.02 -12.71 19.56
N VAL C 34 -32.96 -11.38 19.73
CA VAL C 34 -34.09 -10.66 20.30
C VAL C 34 -35.29 -10.74 19.37
N LEU C 35 -35.07 -10.65 18.06
CA LEU C 35 -36.19 -10.67 17.12
C LEU C 35 -36.94 -12.00 17.20
N ASP C 36 -36.21 -13.11 17.35
CA ASP C 36 -36.86 -14.41 17.55
C ASP C 36 -37.48 -14.50 18.94
N GLN C 37 -36.71 -14.16 19.98
CA GLN C 37 -37.23 -14.20 21.34
C GLN C 37 -38.45 -13.31 21.52
N MET C 38 -38.43 -12.12 20.90
CA MET C 38 -39.57 -11.22 20.99
C MET C 38 -40.78 -11.80 20.27
N ASN C 39 -40.55 -12.57 19.20
CA ASN C 39 -41.67 -13.16 18.46
C ASN C 39 -42.29 -14.31 19.24
N LYS C 40 -41.48 -15.12 19.92
CA LYS C 40 -42.04 -16.19 20.74
C LYS C 40 -42.83 -15.66 21.93
N TYR C 41 -42.33 -14.59 22.57
CA TYR C 41 -43.13 -13.95 23.61
C TYR C 41 -44.34 -13.26 23.00
N LEU C 42 -44.22 -12.77 21.76
CA LEU C 42 -45.32 -12.07 21.12
C LEU C 42 -46.56 -12.95 21.03
N TYR C 43 -46.40 -14.17 20.52
CA TYR C 43 -47.52 -15.09 20.40
C TYR C 43 -47.86 -15.77 21.72
N SER C 44 -47.01 -15.61 22.74
CA SER C 44 -47.35 -16.02 24.10
C SER C 44 -48.30 -15.04 24.79
N VAL C 45 -48.46 -13.84 24.22
CA VAL C 45 -49.31 -12.80 24.80
C VAL C 45 -50.77 -13.12 24.46
N LYS C 46 -51.61 -13.21 25.50
CA LYS C 46 -53.02 -13.50 25.26
C LYS C 46 -53.79 -12.25 24.84
N ASP C 47 -53.41 -11.09 25.38
CA ASP C 47 -54.03 -9.84 24.99
C ASP C 47 -53.69 -9.49 23.55
N THR C 48 -54.72 -9.12 22.78
CA THR C 48 -54.49 -8.72 21.39
C THR C 48 -53.84 -7.34 21.32
N HIS C 49 -54.29 -6.40 22.16
CA HIS C 49 -53.74 -5.05 22.14
C HIS C 49 -52.27 -5.07 22.56
N LEU C 50 -51.95 -5.78 23.64
CA LEU C 50 -50.55 -5.91 24.05
C LEU C 50 -49.72 -6.57 22.95
N ARG C 51 -50.33 -7.46 22.18
CA ARG C 51 -49.65 -8.06 21.03
C ARG C 51 -49.34 -7.01 19.98
N GLN C 52 -50.27 -6.09 19.74
CA GLN C 52 -50.07 -5.05 18.74
C GLN C 52 -48.91 -4.13 19.12
N LYS C 53 -48.82 -3.76 20.40
CA LYS C 53 -47.77 -2.83 20.83
C LYS C 53 -46.39 -3.48 20.78
N TRP C 54 -46.31 -4.78 21.09
CA TRP C 54 -45.04 -5.48 20.96
C TRP C 54 -44.60 -5.57 19.50
N GLN C 55 -45.56 -5.65 18.57
CA GLN C 55 -45.23 -5.77 17.15
C GLN C 55 -44.48 -4.53 16.65
N GLN C 56 -44.82 -3.35 17.15
CA GLN C 56 -44.08 -2.16 16.73
C GLN C 56 -42.71 -2.09 17.38
N VAL C 57 -42.55 -2.68 18.57
CA VAL C 57 -41.23 -2.81 19.16
C VAL C 57 -40.37 -3.73 18.30
N TRP C 58 -40.93 -4.90 17.91
CA TRP C 58 -40.23 -5.78 16.98
C TRP C 58 -39.86 -5.03 15.71
N GLN C 59 -40.78 -4.22 15.18
CA GLN C 59 -40.51 -3.48 13.95
C GLN C 59 -39.37 -2.48 14.14
N GLU C 60 -39.37 -1.76 15.27
CA GLU C 60 -38.29 -0.80 15.52
C GLU C 60 -36.95 -1.50 15.70
N ILE C 61 -36.93 -2.60 16.47
CA ILE C 61 -35.70 -3.37 16.61
C ILE C 61 -35.28 -3.95 15.27
N ASN C 62 -36.25 -4.40 14.46
CA ASN C 62 -35.92 -4.95 13.15
C ASN C 62 -35.23 -3.91 12.28
N VAL C 63 -35.66 -2.64 12.39
CA VAL C 63 -35.04 -1.56 11.63
C VAL C 63 -33.58 -1.42 12.02
N GLU C 64 -33.27 -1.46 13.31
CA GLU C 64 -31.89 -1.36 13.77
C GLU C 64 -31.05 -2.50 13.21
N ALA C 65 -31.60 -3.72 13.19
CA ALA C 65 -30.85 -4.87 12.69
C ALA C 65 -30.52 -4.73 11.21
N LYS C 66 -31.45 -4.16 10.42
CA LYS C 66 -31.20 -3.99 8.99
C LYS C 66 -30.09 -2.98 8.73
N GLN C 67 -30.00 -1.94 9.56
CA GLN C 67 -28.95 -0.94 9.40
C GLN C 67 -27.58 -1.53 9.69
N VAL C 68 -27.49 -2.41 10.68
CA VAL C 68 -26.23 -3.10 10.97
C VAL C 68 -25.80 -3.92 9.76
N LYS C 69 -26.73 -4.70 9.20
CA LYS C 69 -26.44 -5.45 7.97
C LYS C 69 -25.93 -4.53 6.87
N ASP C 70 -26.60 -3.39 6.66
CA ASP C 70 -26.18 -2.45 5.64
C ASP C 70 -24.77 -1.94 5.91
N ILE C 71 -24.45 -1.68 7.18
CA ILE C 71 -23.10 -1.26 7.54
C ILE C 71 -22.11 -2.38 7.24
N MET C 72 -22.47 -3.62 7.58
CA MET C 72 -21.60 -4.75 7.30
C MET C 72 -21.40 -4.94 5.80
N LYS C 73 -22.48 -4.78 5.03
CA LYS C 73 -22.36 -4.90 3.58
C LYS C 73 -21.41 -3.85 3.02
N THR C 74 -21.50 -2.62 3.51
CA THR C 74 -20.56 -1.59 3.11
C THR C 74 -19.13 -1.97 3.46
N LEU C 75 -18.93 -2.49 4.68
CA LEU C 75 -17.59 -2.86 5.10
C LEU C 75 -17.02 -3.99 4.25
N GLU C 76 -17.88 -4.93 3.82
CA GLU C 76 -17.41 -6.05 3.00
C GLU C 76 -16.87 -5.59 1.65
N SER C 77 -17.23 -4.38 1.21
CA SER C 77 -16.71 -3.87 -0.05
C SER C 77 -15.22 -3.56 0.02
N PHE C 78 -14.71 -3.22 1.20
CA PHE C 78 -13.30 -2.86 1.31
C PHE C 78 -12.38 -4.05 1.08
N LYS C 79 -12.86 -5.26 1.29
CA LYS C 79 -12.06 -6.48 1.12
C LYS C 79 -11.33 -6.52 -0.22
N LEU D 39 38.86 9.73 -37.05
CA LEU D 39 37.53 9.18 -37.27
C LEU D 39 36.68 10.12 -38.14
N VAL D 40 36.30 9.64 -39.32
CA VAL D 40 35.70 10.47 -40.37
C VAL D 40 34.19 10.52 -40.17
N ASP D 41 33.54 11.46 -40.87
CA ASP D 41 32.10 11.68 -40.68
C ASP D 41 31.29 10.45 -41.05
N GLU D 42 31.59 9.86 -42.21
CA GLU D 42 30.77 8.75 -42.69
C GLU D 42 30.82 7.57 -41.71
N ASP D 43 31.99 7.29 -41.15
CA ASP D 43 32.10 6.22 -40.16
C ASP D 43 31.32 6.56 -38.91
N ALA D 44 31.41 7.82 -38.47
CA ALA D 44 30.71 8.25 -37.25
C ALA D 44 29.21 8.10 -37.41
N MET D 45 28.67 8.59 -38.53
CA MET D 45 27.23 8.51 -38.77
C MET D 45 26.77 7.06 -38.88
N SER D 46 27.54 6.22 -39.57
N SER D 46 27.56 6.22 -39.56
CA SER D 46 27.19 4.82 -39.70
CA SER D 46 27.19 4.81 -39.70
C SER D 46 27.14 4.14 -38.34
C SER D 46 27.16 4.12 -38.34
N GLN D 47 28.12 4.42 -37.47
CA GLN D 47 28.14 3.83 -36.14
C GLN D 47 26.91 4.26 -35.34
N ILE D 48 26.48 5.52 -35.48
CA ILE D 48 25.36 6.03 -34.71
C ILE D 48 24.04 5.48 -35.22
N ARG D 49 23.85 5.48 -36.55
CA ARG D 49 22.56 5.09 -37.12
C ARG D 49 22.32 3.59 -37.03
N LYS D 50 23.38 2.80 -36.95
CA LYS D 50 23.25 1.34 -36.80
C LYS D 50 22.23 0.97 -35.73
N GLY D 51 22.25 1.65 -34.61
CA GLY D 51 21.44 1.29 -33.46
C GLY D 51 20.11 1.99 -33.34
N HIS D 52 19.74 2.85 -34.30
CA HIS D 52 18.54 3.67 -34.13
C HIS D 52 17.27 2.83 -34.14
N ASP D 53 17.13 1.95 -35.14
CA ASP D 53 15.89 1.18 -35.25
C ASP D 53 15.66 0.32 -34.02
N THR D 54 16.72 -0.28 -33.48
CA THR D 54 16.58 -1.08 -32.27
C THR D 54 16.09 -0.23 -31.11
N MET D 55 16.66 0.97 -30.93
CA MET D 55 16.21 1.84 -29.85
C MET D 55 14.75 2.22 -30.01
N PHE D 56 14.35 2.59 -31.22
CA PHE D 56 12.96 2.99 -31.48
C PHE D 56 12.00 1.87 -31.07
N VAL D 57 12.29 0.63 -31.47
CA VAL D 57 11.38 -0.48 -31.22
C VAL D 57 11.36 -0.82 -29.73
N VAL D 58 12.52 -0.89 -29.09
CA VAL D 58 12.58 -1.28 -27.69
C VAL D 58 11.83 -0.27 -26.82
N LEU D 59 12.07 1.02 -27.07
CA LEU D 59 11.41 2.05 -26.27
C LEU D 59 9.93 2.12 -26.59
N THR D 60 9.55 1.85 -27.84
CA THR D 60 8.12 1.78 -28.18
C THR D 60 7.44 0.65 -27.42
N SER D 61 8.02 -0.55 -27.45
CA SER D 61 7.40 -1.68 -26.78
C SER D 61 7.35 -1.47 -25.28
N ARG D 62 8.42 -0.90 -24.70
CA ARG D 62 8.42 -0.68 -23.26
C ARG D 62 7.39 0.37 -22.87
N HIS D 63 7.31 1.47 -23.61
CA HIS D 63 6.32 2.48 -23.30
C HIS D 63 4.91 1.91 -23.38
N LYS D 64 4.62 1.14 -24.43
CA LYS D 64 3.31 0.51 -24.56
C LYS D 64 3.01 -0.39 -23.37
N ASN D 65 4.01 -1.16 -22.92
CA ASN D 65 3.81 -2.05 -21.78
C ASN D 65 3.61 -1.27 -20.50
N LEU D 66 4.38 -0.20 -20.30
CA LEU D 66 4.20 0.62 -19.11
C LEU D 66 2.81 1.27 -19.10
N ASP D 67 2.33 1.70 -20.27
CA ASP D 67 1.01 2.31 -20.34
C ASP D 67 -0.08 1.29 -20.05
N THR D 68 0.13 0.03 -20.44
CA THR D 68 -0.80 -1.04 -20.09
C THR D 68 -0.91 -1.15 -18.57
N VAL D 69 0.23 -1.16 -17.89
CA VAL D 69 0.22 -1.25 -16.43
C VAL D 69 -0.39 0.01 -15.81
N ARG D 70 -0.04 1.19 -16.35
CA ARG D 70 -0.58 2.43 -15.78
C ARG D 70 -2.09 2.47 -15.86
N ALA D 71 -2.67 1.97 -16.95
CA ALA D 71 -4.12 1.98 -17.08
C ALA D 71 -4.80 1.15 -16.00
N VAL D 72 -4.23 -0.01 -15.68
CA VAL D 72 -4.78 -0.83 -14.61
C VAL D 72 -4.61 -0.13 -13.28
N TRP D 73 -3.49 0.56 -13.09
CA TRP D 73 -3.21 1.26 -11.85
C TRP D 73 -4.19 2.41 -11.62
N THR D 74 -4.45 3.20 -12.67
CA THR D 74 -5.32 4.36 -12.52
C THR D 74 -6.78 3.97 -12.26
N THR D 75 -7.20 2.78 -12.72
CA THR D 75 -8.52 2.30 -12.34
C THR D 75 -8.64 2.08 -10.84
N GLY D 76 -7.51 2.00 -10.14
CA GLY D 76 -7.48 1.91 -8.69
C GLY D 76 -7.12 0.54 -8.16
N ASP D 77 -7.08 -0.48 -9.00
CA ASP D 77 -6.82 -1.85 -8.52
C ASP D 77 -5.31 -2.06 -8.47
N ILE D 78 -4.76 -1.97 -7.26
CA ILE D 78 -3.33 -2.21 -7.08
C ILE D 78 -2.99 -3.67 -7.35
N LYS D 79 -3.86 -4.59 -6.93
CA LYS D 79 -3.57 -6.02 -7.04
C LYS D 79 -3.44 -6.44 -8.51
N THR D 80 -4.48 -6.20 -9.31
CA THR D 80 -4.41 -6.62 -10.70
C THR D 80 -3.42 -5.80 -11.51
N SER D 81 -2.94 -4.68 -10.98
CA SER D 81 -1.89 -3.93 -11.68
C SER D 81 -0.52 -4.57 -11.48
N VAL D 82 -0.25 -5.09 -10.28
CA VAL D 82 0.97 -5.88 -10.08
C VAL D 82 0.93 -7.12 -10.97
N ASP D 83 -0.22 -7.81 -11.00
CA ASP D 83 -0.36 -8.99 -11.85
C ASP D 83 -0.23 -8.64 -13.33
N SER D 84 -0.54 -7.39 -13.69
CA SER D 84 -0.40 -6.96 -15.08
CA SER D 84 -0.40 -6.97 -15.08
C SER D 84 1.07 -6.93 -15.48
N ALA D 85 1.91 -6.31 -14.66
CA ALA D 85 3.34 -6.24 -14.95
C ALA D 85 3.94 -7.64 -15.07
N VAL D 86 3.58 -8.54 -14.14
CA VAL D 86 4.06 -9.92 -14.22
C VAL D 86 3.57 -10.59 -15.49
N ALA D 87 2.28 -10.40 -15.82
CA ALA D 87 1.69 -11.05 -16.99
C ALA D 87 2.35 -10.59 -18.28
N ILE D 88 2.73 -9.31 -18.36
CA ILE D 88 3.45 -8.82 -19.54
C ILE D 88 4.73 -9.63 -19.74
N ASN D 89 5.36 -10.06 -18.66
CA ASN D 89 6.56 -10.90 -18.71
C ASN D 89 7.71 -10.18 -19.43
N ASP D 90 7.95 -8.94 -19.01
CA ASP D 90 9.02 -8.11 -19.56
C ASP D 90 9.81 -7.55 -18.39
N LEU D 91 11.01 -8.07 -18.16
CA LEU D 91 11.77 -7.72 -16.97
C LEU D 91 12.07 -6.22 -16.91
N SER D 92 12.26 -5.56 -18.06
CA SER D 92 12.57 -4.13 -18.04
C SER D 92 11.38 -3.31 -17.54
N VAL D 93 10.16 -3.78 -17.79
CA VAL D 93 8.99 -3.11 -17.25
C VAL D 93 8.92 -3.30 -15.73
N VAL D 94 9.25 -4.50 -15.25
CA VAL D 94 9.30 -4.73 -13.80
C VAL D 94 10.32 -3.80 -13.15
N VAL D 95 11.50 -3.65 -13.77
CA VAL D 95 12.55 -2.81 -13.19
C VAL D 95 12.06 -1.38 -13.05
N ASP D 96 11.50 -0.82 -14.12
CA ASP D 96 10.99 0.56 -14.08
C ASP D 96 9.96 0.72 -12.97
N LEU D 97 9.06 -0.25 -12.83
CA LEU D 97 8.03 -0.12 -11.81
C LEU D 97 8.62 -0.29 -10.41
N LEU D 98 9.51 -1.27 -10.23
CA LEU D 98 10.11 -1.44 -8.89
C LEU D 98 10.97 -0.24 -8.53
N ASN D 99 11.59 0.41 -9.52
CA ASN D 99 12.36 1.62 -9.22
C ASN D 99 11.48 2.73 -8.66
N ILE D 100 10.26 2.87 -9.21
CA ILE D 100 9.33 3.86 -8.67
C ILE D 100 8.89 3.47 -7.27
N VAL D 101 8.47 2.22 -7.09
CA VAL D 101 8.05 1.76 -5.76
C VAL D 101 9.17 1.94 -4.76
N ASN D 102 10.39 1.53 -5.13
CA ASN D 102 11.51 1.62 -4.19
C ASN D 102 11.76 3.06 -3.75
N GLN D 103 11.51 4.02 -4.63
CA GLN D 103 11.72 5.43 -4.30
C GLN D 103 10.57 6.03 -3.48
N LYS D 104 9.38 5.46 -3.57
CA LYS D 104 8.21 6.07 -2.94
C LYS D 104 7.68 5.33 -1.72
N ALA D 105 8.07 4.06 -1.52
CA ALA D 105 7.38 3.24 -0.54
C ALA D 105 7.52 3.81 0.87
N SER D 106 8.74 4.23 1.22
CA SER D 106 8.98 4.80 2.54
C SER D 106 8.25 6.12 2.72
N LEU D 107 8.22 6.95 1.68
CA LEU D 107 7.47 8.20 1.77
C LEU D 107 5.98 7.93 1.90
N TRP D 108 5.49 6.85 1.27
CA TRP D 108 4.10 6.45 1.43
C TRP D 108 3.82 6.03 2.87
N ALA D 109 4.69 5.22 3.45
CA ALA D 109 4.51 4.81 4.85
C ALA D 109 4.55 6.01 5.78
N LEU D 110 5.46 6.95 5.50
CA LEU D 110 5.58 8.14 6.34
C LEU D 110 4.31 8.98 6.31
N ASP D 111 3.78 9.23 5.11
CA ASP D 111 2.55 10.02 4.99
C ASP D 111 1.40 9.33 5.71
N LEU D 112 1.27 8.01 5.53
CA LEU D 112 0.23 7.26 6.20
C LEU D 112 0.38 7.34 7.72
N CYS D 113 1.60 7.17 8.23
CA CYS D 113 1.81 7.20 9.68
C CYS D 113 1.44 8.56 10.27
N THR D 114 1.88 9.65 9.64
CA THR D 114 1.59 10.96 10.22
C THR D 114 0.10 11.28 10.19
N THR D 115 -0.66 10.60 9.34
CA THR D 115 -2.11 10.76 9.33
C THR D 115 -2.80 9.84 10.32
N VAL D 116 -2.30 8.61 10.47
CA VAL D 116 -2.98 7.62 11.28
C VAL D 116 -2.60 7.72 12.76
N LEU D 117 -1.34 8.06 13.06
CA LEU D 117 -0.90 8.06 14.46
C LEU D 117 -1.74 8.95 15.37
N PRO D 118 -2.15 10.17 14.97
CA PRO D 118 -3.01 10.96 15.87
C PRO D 118 -4.32 10.25 16.22
N GLN D 119 -4.90 9.53 15.27
CA GLN D 119 -6.10 8.74 15.55
C GLN D 119 -5.77 7.60 16.51
N ILE D 120 -4.66 6.92 16.28
CA ILE D 120 -4.26 5.83 17.17
C ILE D 120 -4.11 6.34 18.60
N GLU D 121 -3.48 7.51 18.76
CA GLU D 121 -3.31 8.06 20.10
C GLU D 121 -4.65 8.32 20.78
N LYS D 122 -5.64 8.82 20.01
CA LYS D 122 -6.99 8.97 20.54
C LYS D 122 -7.58 7.63 20.97
N LEU D 123 -7.42 6.61 20.14
CA LEU D 123 -7.96 5.29 20.47
C LEU D 123 -7.34 4.75 21.75
N LEU D 124 -6.04 4.93 21.93
CA LEU D 124 -5.38 4.43 23.13
C LEU D 124 -5.88 5.13 24.38
N GLN D 125 -6.46 6.32 24.23
CA GLN D 125 -6.95 7.12 25.34
C GLN D 125 -8.44 6.94 25.58
N SER D 126 -9.10 6.10 24.79
CA SER D 126 -10.55 5.97 24.87
C SER D 126 -10.97 5.25 26.15
N LYS D 127 -12.19 5.54 26.61
CA LYS D 127 -12.77 4.81 27.71
C LYS D 127 -13.34 3.46 27.30
N TYR D 128 -13.41 3.17 26.01
CA TYR D 128 -13.92 1.89 25.53
C TYR D 128 -12.75 0.92 25.34
N GLU D 129 -12.85 -0.24 26.00
CA GLU D 129 -11.82 -1.27 25.91
C GLU D 129 -11.53 -1.66 24.47
N SER D 130 -12.58 -1.85 23.67
CA SER D 130 -12.40 -2.28 22.30
C SER D 130 -11.72 -1.20 21.44
N TYR D 131 -11.96 0.08 21.74
CA TYR D 131 -11.23 1.13 21.04
C TYR D 131 -9.74 1.03 21.32
N VAL D 132 -9.38 0.84 22.59
CA VAL D 132 -7.97 0.70 22.96
C VAL D 132 -7.35 -0.49 22.25
N GLN D 133 -8.05 -1.63 22.23
CA GLN D 133 -7.51 -2.80 21.56
C GLN D 133 -7.29 -2.55 20.08
N THR D 134 -8.24 -1.86 19.42
CA THR D 134 -8.07 -1.51 18.01
C THR D 134 -6.85 -0.64 17.82
N GLY D 135 -6.67 0.36 18.68
CA GLY D 135 -5.49 1.21 18.58
C GLY D 135 -4.20 0.45 18.83
N CYS D 136 -4.22 -0.50 19.77
CA CYS D 136 -3.03 -1.28 20.05
C CYS D 136 -2.66 -2.15 18.86
N THR D 137 -3.64 -2.82 18.26
CA THR D 137 -3.39 -3.69 17.11
C THR D 137 -2.84 -2.88 15.94
N SER D 138 -3.47 -1.75 15.62
CA SER D 138 -2.96 -0.92 14.54
C SER D 138 -1.59 -0.35 14.86
N LEU D 139 -1.32 -0.01 16.13
CA LEU D 139 -0.01 0.51 16.47
C LEU D 139 1.07 -0.55 16.30
N LYS D 140 0.79 -1.79 16.71
CA LYS D 140 1.76 -2.86 16.53
C LYS D 140 2.12 -3.04 15.07
N LEU D 141 1.12 -3.08 14.19
CA LEU D 141 1.38 -3.24 12.75
C LEU D 141 2.21 -2.09 12.21
N ILE D 142 1.90 -0.87 12.64
CA ILE D 142 2.68 0.29 12.21
C ILE D 142 4.12 0.18 12.70
N LEU D 143 4.31 -0.21 13.96
CA LEU D 143 5.67 -0.35 14.49
C LEU D 143 6.43 -1.47 13.78
N GLN D 144 5.78 -2.60 13.53
CA GLN D 144 6.44 -3.71 12.85
C GLN D 144 6.82 -3.35 11.43
N ALA D 145 5.88 -2.81 10.66
CA ALA D 145 6.02 -2.69 9.21
C ALA D 145 6.63 -1.37 8.76
N PHE D 146 6.29 -0.26 9.40
CA PHE D 146 6.64 1.05 8.86
C PHE D 146 7.76 1.74 9.61
N LEU D 147 7.90 1.49 10.91
CA LEU D 147 9.00 2.11 11.65
C LEU D 147 10.37 1.82 11.07
N PRO D 148 10.70 0.60 10.63
CA PRO D 148 12.01 0.41 9.99
C PRO D 148 12.21 1.27 8.76
N LEU D 149 11.18 1.40 7.92
CA LEU D 149 11.31 2.24 6.73
C LEU D 149 11.51 3.71 7.10
N ILE D 150 10.73 4.19 8.09
CA ILE D 150 10.79 5.60 8.44
C ILE D 150 12.14 5.97 9.04
N THR D 151 12.70 5.07 9.87
CA THR D 151 14.02 5.33 10.46
C THR D 151 15.05 5.57 9.37
N ASP D 152 15.02 4.78 8.29
CA ASP D 152 16.02 4.87 7.23
C ASP D 152 15.96 6.19 6.46
N ILE D 153 14.78 6.83 6.42
CA ILE D 153 14.66 8.10 5.70
C ILE D 153 15.64 9.13 6.27
N LEU D 154 15.82 9.15 7.58
CA LEU D 154 16.71 10.10 8.24
C LEU D 154 18.17 9.97 7.82
N ALA D 155 18.53 8.98 7.01
CA ALA D 155 19.92 8.80 6.58
C ALA D 155 20.04 8.99 5.08
N ALA D 156 21.26 8.82 4.57
CA ALA D 156 21.59 8.99 3.16
C ALA D 156 21.19 10.37 2.63
N VAL D 162 18.78 20.64 -5.63
CA VAL D 162 19.11 19.22 -5.64
C VAL D 162 17.87 18.37 -5.40
N ASP D 163 17.10 18.69 -4.36
CA ASP D 163 15.92 17.90 -4.02
C ASP D 163 14.95 18.80 -3.25
N ILE D 164 13.91 19.26 -3.94
CA ILE D 164 12.91 20.14 -3.33
C ILE D 164 12.19 19.43 -2.19
N SER D 165 12.04 18.10 -2.29
CA SER D 165 11.28 17.32 -1.32
C SER D 165 12.00 17.13 0.00
N ARG D 166 13.34 17.19 -0.01
CA ARG D 166 14.11 16.81 1.18
C ARG D 166 13.71 17.64 2.40
N GLU D 167 13.43 18.92 2.22
CA GLU D 167 12.96 19.74 3.33
C GLU D 167 11.62 19.22 3.86
N GLU D 168 10.73 18.78 2.96
CA GLU D 168 9.44 18.24 3.36
C GLU D 168 9.58 16.91 4.09
N ARG D 169 10.44 16.03 3.58
CA ARG D 169 10.60 14.70 4.16
C ARG D 169 11.03 14.79 5.62
N LEU D 170 12.06 15.60 5.91
CA LEU D 170 12.55 15.71 7.28
C LEU D 170 11.50 16.27 8.22
N HIS D 171 10.68 17.22 7.74
CA HIS D 171 9.62 17.78 8.58
C HIS D 171 8.62 16.70 8.99
N LYS D 172 8.17 15.89 8.02
CA LYS D 172 7.22 14.84 8.34
C LYS D 172 7.86 13.73 9.17
N CYS D 173 9.16 13.51 8.99
CA CYS D 173 9.88 12.55 9.83
C CYS D 173 9.86 13.00 11.28
N ARG D 174 10.14 14.28 11.52
CA ARG D 174 10.13 14.81 12.87
C ARG D 174 8.72 14.78 13.45
N LEU D 175 7.72 15.11 12.63
CA LEU D 175 6.35 15.00 13.10
C LEU D 175 6.01 13.57 13.48
N CYS D 176 6.44 12.61 12.65
CA CYS D 176 6.19 11.21 12.97
C CYS D 176 6.85 10.82 14.29
N PHE D 177 8.09 11.23 14.52
CA PHE D 177 8.75 10.85 15.76
C PHE D 177 8.16 11.57 16.97
N LYS D 178 7.69 12.81 16.80
CA LYS D 178 6.95 13.47 17.89
C LYS D 178 5.70 12.67 18.25
N GLN D 179 4.95 12.24 17.23
CA GLN D 179 3.75 11.45 17.48
C GLN D 179 4.10 10.15 18.19
N LEU D 180 5.16 9.48 17.74
CA LEU D 180 5.58 8.23 18.36
C LEU D 180 6.07 8.45 19.79
N LYS D 181 6.82 9.54 20.01
CA LYS D 181 7.32 9.84 21.35
C LYS D 181 6.17 10.08 22.33
N SER D 182 5.13 10.80 21.87
CA SER D 182 3.95 11.01 22.70
C SER D 182 3.27 9.69 23.02
N ILE D 183 3.05 8.87 21.99
CA ILE D 183 2.46 7.55 22.19
C ILE D 183 3.35 6.69 23.10
N SER D 184 4.67 6.84 22.96
CA SER D 184 5.60 6.04 23.76
C SER D 184 5.37 6.24 25.25
N GLY D 185 5.27 7.50 25.70
CA GLY D 185 5.04 7.75 27.11
C GLY D 185 3.71 7.18 27.59
N LEU D 186 2.67 7.33 26.76
CA LEU D 186 1.37 6.73 27.09
C LEU D 186 1.48 5.22 27.20
N VAL D 187 2.17 4.59 26.26
CA VAL D 187 2.32 3.13 26.26
C VAL D 187 3.08 2.70 27.52
N LYS D 188 4.14 3.43 27.87
CA LYS D 188 4.92 3.06 29.04
C LYS D 188 4.10 3.17 30.31
N SER D 189 3.26 4.20 30.40
CA SER D 189 2.45 4.37 31.62
C SER D 189 1.38 3.29 31.72
N LYS D 190 0.71 2.98 30.61
CA LYS D 190 -0.35 1.98 30.66
C LYS D 190 0.17 0.55 30.66
N SER D 191 1.48 0.35 30.46
CA SER D 191 2.05 -0.98 30.56
C SER D 191 2.14 -1.48 32.01
N GLY D 192 1.81 -0.64 32.99
CA GLY D 192 1.79 -1.06 34.38
C GLY D 192 0.53 -1.79 34.83
N GLY D 198 -3.41 -5.00 29.83
CA GLY D 198 -2.06 -4.55 30.14
C GLY D 198 -0.95 -5.23 29.37
N SER D 199 -1.21 -6.45 28.89
CA SER D 199 -0.19 -7.22 28.19
C SER D 199 0.11 -6.63 26.82
N ALA D 200 -0.91 -6.11 26.14
CA ALA D 200 -0.69 -5.51 24.82
C ALA D 200 0.27 -4.33 24.90
N PHE D 201 0.23 -3.58 26.00
CA PHE D 201 1.13 -2.44 26.15
C PHE D 201 2.56 -2.87 26.47
N ARG D 202 2.75 -4.04 27.07
CA ARG D 202 4.10 -4.53 27.28
C ARG D 202 4.73 -4.99 25.97
N GLU D 203 3.93 -5.61 25.11
CA GLU D 203 4.41 -5.95 23.77
C GLU D 203 4.75 -4.69 22.99
N LEU D 204 3.91 -3.65 23.12
CA LEU D 204 4.17 -2.38 22.43
C LEU D 204 5.41 -1.69 22.99
N HIS D 205 5.61 -1.77 24.31
CA HIS D 205 6.75 -1.08 24.93
C HIS D 205 8.08 -1.57 24.36
N LEU D 206 8.24 -2.89 24.22
CA LEU D 206 9.48 -3.42 23.66
C LEU D 206 9.67 -2.98 22.21
N LEU D 207 8.58 -2.96 21.44
CA LEU D 207 8.67 -2.48 20.06
C LEU D 207 9.04 -1.00 19.97
N MET D 208 8.88 -0.24 21.05
CA MET D 208 9.16 1.18 21.02
C MET D 208 10.41 1.56 21.79
N ALA D 209 11.25 0.58 22.12
CA ALA D 209 12.44 0.87 22.94
C ALA D 209 13.31 1.93 22.29
N SER D 210 13.41 1.91 20.96
CA SER D 210 14.21 2.89 20.24
C SER D 210 13.53 4.26 20.24
C1 PEG E . 8.62 -2.66 -1.89
O1 PEG E . 8.60 -3.47 -3.04
C2 PEG E . 7.64 -3.20 -0.85
O2 PEG E . 7.59 -2.35 0.26
C3 PEG E . 6.30 -2.00 0.70
C4 PEG E . 6.38 -0.99 1.83
O4 PEG E . 5.13 -0.36 2.02
C1 EDO F . -6.43 -3.34 -2.13
O1 EDO F . -5.05 -3.02 -1.96
C2 EDO F . -6.90 -2.90 -3.52
O2 EDO F . -6.31 -3.75 -4.50
C1 EDO G . 3.50 -1.90 -5.08
O1 EDO G . 4.20 -3.13 -5.12
C2 EDO G . 2.13 -2.12 -4.43
O2 EDO G . 1.45 -0.86 -4.32
C1 PEG H . -1.13 -1.24 9.04
O1 PEG H . -1.48 -0.01 9.61
C2 PEG H . 0.27 -1.13 8.43
O2 PEG H . 0.68 -2.39 7.96
C3 PEG H . 1.13 -2.38 6.64
C4 PEG H . 0.99 -3.78 6.04
O4 PEG H . 0.88 -3.66 4.65
#